data_4ZB1
#
_entry.id   4ZB1
#
_cell.length_a   61.095
_cell.length_b   64.772
_cell.length_c   154.736
_cell.angle_alpha   90.00
_cell.angle_beta   90.00
_cell.angle_gamma   90.00
#
_symmetry.space_group_name_H-M   'P 21 21 21'
#
loop_
_entity.id
_entity.type
_entity.pdbx_description
1 polymer 'Blue chromoprotein, sgBP'
2 non-polymer 2-[2-(2-METHOXY-ETHOXY)-ETHOXY]-ETHOXYL
3 water water
#
_entity_poly.entity_id   1
_entity_poly.type   'polypeptide(L)'
_entity_poly.pdbx_seq_one_letter_code
;MGSSHHHHHHSSGLVPRGSHMVAIPENVRIKAFMEGAINNHHFKCEAEGEGKPYEGTQLERIRVTEGGPLPFSFDILSPH
F(CRQ)SVAITKYLSGIPDYFKQSFPEGFSWERTTMYEDGGYVTAHQDTSLDGNCLVYKIKVIGSNLPANGPVMQNKTRG
WEPCTEMRYVRGGVLCGQSLMALKCADGNHLTCQLRTTYRSKKPAKKLQMPAFHFSDHRPEILKVSENGNLMEQYEMSVG
RYCESVPSKLGHN
;
_entity_poly.pdbx_strand_id   A,B
#
loop_
_chem_comp.id
_chem_comp.type
_chem_comp.name
_chem_comp.formula
TOE non-polymer 2-[2-(2-METHOXY-ETHOXY)-ETHOXY]-ETHOXYL 'C7 H16 O4'
#
# COMPACT_ATOMS: atom_id res chain seq x y z
N ALA A 23 9.95 -1.00 28.82
CA ALA A 23 8.86 -0.44 29.65
C ALA A 23 7.51 -0.62 28.94
N ILE A 24 7.35 -1.73 28.24
CA ILE A 24 6.05 -2.38 28.16
C ILE A 24 6.36 -3.86 28.35
N PRO A 25 5.59 -4.55 29.20
CA PRO A 25 5.93 -5.93 29.46
C PRO A 25 5.74 -6.77 28.20
N GLU A 26 6.41 -7.90 28.18
CA GLU A 26 6.41 -8.82 27.05
C GLU A 26 5.12 -9.58 26.86
N ASN A 27 4.25 -9.49 27.86
CA ASN A 27 2.90 -10.02 27.77
C ASN A 27 1.96 -9.10 28.50
N VAL A 28 0.88 -8.71 27.83
CA VAL A 28 -0.05 -7.76 28.38
C VAL A 28 -1.49 -8.19 28.19
N ARG A 29 -2.31 -7.66 29.07
CA ARG A 29 -3.75 -7.68 28.91
C ARG A 29 -4.15 -6.50 28.03
N ILE A 30 -5.27 -6.62 27.36
CA ILE A 30 -5.81 -5.55 26.54
C ILE A 30 -7.26 -5.36 26.96
N LYS A 31 -7.67 -4.13 27.22
CA LYS A 31 -9.08 -3.81 27.40
C LYS A 31 -9.41 -2.71 26.40
N ALA A 32 -10.48 -2.90 25.64
CA ALA A 32 -10.90 -1.88 24.69
C ALA A 32 -12.40 -1.54 24.79
N PHE A 33 -12.73 -0.29 24.52
CA PHE A 33 -14.09 0.20 24.60
C PHE A 33 -14.34 0.97 23.31
N MET A 34 -15.35 0.55 22.54
CA MET A 34 -15.69 1.25 21.33
C MET A 34 -17.09 1.78 21.37
N GLU A 35 -17.27 2.95 20.74
CA GLU A 35 -18.52 3.64 20.68
C GLU A 35 -18.57 4.20 19.26
N GLY A 36 -19.69 4.06 18.56
CA GLY A 36 -19.75 4.63 17.26
C GLY A 36 -21.09 4.55 16.58
N ALA A 37 -21.06 4.90 15.30
CA ALA A 37 -22.22 4.82 14.44
C ALA A 37 -21.79 4.53 13.01
N ILE A 38 -22.46 3.58 12.37
CA ILE A 38 -22.26 3.29 10.96
C ILE A 38 -23.60 3.53 10.26
N ASN A 39 -23.59 4.40 9.24
CA ASN A 39 -24.81 4.87 8.58
C ASN A 39 -25.90 5.17 9.58
N ASN A 40 -25.54 5.89 10.64
CA ASN A 40 -26.44 6.29 11.74
C ASN A 40 -26.92 5.18 12.65
N HIS A 41 -26.39 3.96 12.53
CA HIS A 41 -26.69 2.90 13.50
C HIS A 41 -25.65 2.88 14.60
N HIS A 42 -26.08 3.33 15.77
CA HIS A 42 -25.22 3.45 16.92
C HIS A 42 -24.99 2.11 17.59
N PHE A 43 -23.80 1.94 18.18
CA PHE A 43 -23.47 0.71 18.87
C PHE A 43 -22.35 0.99 19.83
N LYS A 44 -22.10 0.01 20.70
CA LYS A 44 -20.93 -0.01 21.54
C LYS A 44 -20.35 -1.41 21.51
N CYS A 45 -19.05 -1.51 21.76
CA CYS A 45 -18.38 -2.79 21.94
C CYS A 45 -17.43 -2.69 23.10
N GLU A 46 -17.14 -3.84 23.69
CA GLU A 46 -16.08 -3.98 24.66
C GLU A 46 -15.26 -5.21 24.34
N ALA A 47 -13.94 -5.04 24.39
CA ALA A 47 -13.00 -6.15 24.20
C ALA A 47 -12.11 -6.46 25.41
N GLU A 48 -11.74 -7.71 25.49
CA GLU A 48 -10.88 -8.18 26.53
C GLU A 48 -9.93 -9.11 25.76
N GLY A 49 -8.63 -8.95 25.94
CA GLY A 49 -7.68 -9.83 25.27
C GLY A 49 -6.27 -9.83 25.81
N GLU A 50 -5.33 -10.29 24.96
CA GLU A 50 -3.94 -10.41 25.36
C GLU A 50 -2.98 -10.37 24.17
N GLY A 51 -1.81 -9.78 24.40
CA GLY A 51 -0.82 -9.63 23.34
C GLY A 51 0.61 -9.75 23.81
N LYS A 52 1.51 -9.95 22.86
CA LYS A 52 2.94 -9.96 23.10
C LYS A 52 3.55 -8.85 22.26
N PRO A 53 3.72 -7.68 22.88
CA PRO A 53 4.09 -6.47 22.16
C PRO A 53 5.32 -6.61 21.27
N TYR A 54 6.34 -7.39 21.72
CA TYR A 54 7.60 -7.60 20.98
C TYR A 54 7.53 -8.76 19.98
N GLU A 55 6.58 -9.66 20.12
CA GLU A 55 6.38 -10.71 19.12
C GLU A 55 5.34 -10.29 18.09
N GLY A 56 4.62 -9.21 18.39
CA GLY A 56 3.67 -8.66 17.44
C GLY A 56 2.38 -9.45 17.29
N THR A 57 2.09 -10.33 18.24
CA THR A 57 0.88 -11.18 18.20
C THR A 57 -0.12 -10.79 19.30
N GLN A 58 -1.41 -10.96 18.99
CA GLN A 58 -2.49 -10.58 19.88
C GLN A 58 -3.82 -11.18 19.50
N LEU A 59 -4.69 -11.33 20.49
CA LEU A 59 -6.02 -11.92 20.34
C LEU A 59 -6.97 -11.04 21.13
N GLU A 60 -8.09 -10.66 20.54
CA GLU A 60 -9.11 -9.91 21.26
C GLU A 60 -10.44 -10.62 21.14
N ARG A 61 -11.14 -10.77 22.27
CA ARG A 61 -12.51 -11.23 22.27
C ARG A 61 -13.39 -10.00 22.40
N ILE A 62 -14.16 -9.73 21.36
CA ILE A 62 -14.86 -8.48 21.21
C ILE A 62 -16.35 -8.76 21.30
N ARG A 63 -17.03 -8.14 22.26
CA ARG A 63 -18.47 -8.31 22.40
C ARG A 63 -19.19 -7.02 22.02
N VAL A 64 -20.21 -7.12 21.19
CA VAL A 64 -21.04 -5.97 20.89
C VAL A 64 -22.05 -5.87 22.02
N THR A 65 -21.88 -4.87 22.88
CA THR A 65 -22.63 -4.76 24.10
C THR A 65 -23.87 -3.92 23.92
N GLU A 66 -23.91 -3.12 22.86
CA GLU A 66 -25.06 -2.26 22.57
C GLU A 66 -25.26 -2.17 21.06
N GLY A 67 -26.49 -2.33 20.61
CA GLY A 67 -26.83 -2.19 19.21
C GLY A 67 -26.59 -3.37 18.30
N GLY A 68 -26.26 -4.52 18.87
CA GLY A 68 -26.04 -5.71 18.07
C GLY A 68 -27.16 -6.74 18.22
N PRO A 69 -27.11 -7.84 17.44
CA PRO A 69 -26.16 -8.11 16.37
C PRO A 69 -26.18 -7.02 15.34
N LEU A 70 -25.02 -6.67 14.80
CA LEU A 70 -24.92 -5.46 13.99
C LEU A 70 -25.58 -5.65 12.64
N PRO A 71 -26.32 -4.65 12.14
CA PRO A 71 -26.90 -4.84 10.81
C PRO A 71 -25.90 -4.53 9.67
N PHE A 72 -24.62 -4.82 9.88
CA PHE A 72 -23.61 -4.54 8.87
C PHE A 72 -22.39 -5.39 9.20
N SER A 73 -21.49 -5.52 8.24
CA SER A 73 -20.37 -6.42 8.46
C SER A 73 -19.43 -5.92 9.56
N PHE A 74 -19.13 -6.80 10.52
CA PHE A 74 -18.18 -6.48 11.59
C PHE A 74 -16.77 -6.13 11.04
N ASP A 75 -16.45 -6.65 9.84
CA ASP A 75 -15.16 -6.39 9.19
C ASP A 75 -14.79 -4.89 9.15
N ILE A 76 -15.78 -4.02 8.98
CA ILE A 76 -15.50 -2.59 8.92
C ILE A 76 -14.95 -2.05 10.27
N LEU A 77 -15.27 -2.71 11.36
CA LEU A 77 -14.80 -2.32 12.68
C LEU A 77 -13.43 -2.92 13.04
N SER A 78 -13.11 -4.06 12.45
CA SER A 78 -11.93 -4.85 12.84
C SER A 78 -10.62 -4.10 12.99
N PRO A 79 -10.23 -3.29 12.00
CA PRO A 79 -8.92 -2.67 12.08
C PRO A 79 -8.87 -1.47 13.01
N HIS A 80 -10.00 -1.11 13.62
CA HIS A 80 -10.03 -0.08 14.65
C HIS A 80 -9.72 -0.63 16.03
N PHE A 81 -9.82 -1.96 16.19
CA PHE A 81 -9.57 -2.62 17.48
C PHE A 81 -8.11 -3.04 17.65
N1 CRQ A 82 -7.46 -3.00 16.58
CA1 CRQ A 82 -6.51 -3.58 15.91
CB1 CRQ A 82 -6.87 -5.05 15.65
CG1 CRQ A 82 -6.36 -5.97 16.74
C1 CRQ A 82 -5.91 -2.85 14.94
N2 CRQ A 82 -5.52 -3.35 13.76
N3 CRQ A 82 -5.57 -1.55 15.00
C2 CRQ A 82 -5.00 -1.27 13.81
O2 CRQ A 82 -4.59 -0.14 13.49
CA2 CRQ A 82 -4.96 -2.38 13.03
CA3 CRQ A 82 -5.66 -0.38 15.90
CB2 CRQ A 82 -4.49 -2.62 11.77
CG2 CRQ A 82 -4.05 -1.68 10.82
CD1 CRQ A 82 -3.22 -0.58 11.09
CD2 CRQ A 82 -4.42 -1.88 9.49
CE1 CRQ A 82 -2.85 0.31 10.07
CE2 CRQ A 82 -4.03 -1.01 8.47
CZ CRQ A 82 -3.24 0.09 8.76
OH CRQ A 82 -2.91 0.87 7.84
OE1 CRQ A 82 -7.06 -7.94 15.60
C3 CRQ A 82 -5.36 -0.69 17.40
O3 CRQ A 82 -5.09 0.25 18.19
CD3 CRQ A 82 -6.86 -7.39 16.69
NE1 CRQ A 82 -6.61 -8.06 17.82
N SER A 83 -4.22 -1.38 17.40
CA SER A 83 -3.43 -2.00 18.50
C SER A 83 -1.94 -2.01 18.13
N VAL A 84 -1.45 -0.82 17.85
CA VAL A 84 -0.16 -0.60 17.22
C VAL A 84 1.06 -0.58 18.16
N ALA A 85 0.85 -0.58 19.46
CA ALA A 85 1.96 -0.84 20.39
C ALA A 85 2.35 -2.30 20.33
N ILE A 86 1.50 -3.14 19.78
CA ILE A 86 1.83 -4.55 19.59
C ILE A 86 2.33 -4.79 18.17
N THR A 87 3.65 -4.77 18.01
CA THR A 87 4.29 -4.88 16.70
C THR A 87 5.71 -5.32 16.92
N LYS A 88 6.12 -6.31 16.14
CA LYS A 88 7.51 -6.74 16.15
C LYS A 88 8.29 -5.82 15.21
N TYR A 89 9.09 -4.94 15.81
CA TYR A 89 9.85 -3.99 15.04
C TYR A 89 11.21 -4.56 14.67
N LEU A 90 11.44 -4.79 13.38
CA LEU A 90 12.69 -5.31 12.87
C LEU A 90 13.74 -4.21 12.59
N SER A 91 14.95 -4.67 12.27
CA SER A 91 16.04 -3.80 11.73
C SER A 91 16.34 -2.59 12.60
N GLY A 92 16.16 -2.72 13.90
CA GLY A 92 16.43 -1.62 14.81
C GLY A 92 15.68 -0.32 14.53
N ILE A 93 14.48 -0.42 13.96
CA ILE A 93 13.71 0.77 13.64
C ILE A 93 13.15 1.28 14.95
N PRO A 94 13.32 2.57 15.25
CA PRO A 94 12.76 3.10 16.50
C PRO A 94 11.25 2.91 16.57
N ASP A 95 10.78 2.47 17.74
CA ASP A 95 9.37 2.14 17.94
C ASP A 95 8.67 3.32 18.59
N TYR A 96 7.99 4.11 17.78
CA TYR A 96 7.32 5.35 18.20
C TYR A 96 6.27 5.09 19.28
N PHE A 97 5.65 3.91 19.22
CA PHE A 97 4.61 3.56 20.18
C PHE A 97 5.20 3.10 21.47
N LYS A 98 6.07 2.12 21.43
CA LYS A 98 6.62 1.63 22.70
C LYS A 98 7.39 2.73 23.44
N GLN A 99 8.08 3.58 22.69
CA GLN A 99 8.75 4.74 23.26
C GLN A 99 7.79 5.68 23.99
N SER A 100 6.52 5.70 23.60
CA SER A 100 5.58 6.70 24.15
C SER A 100 5.10 6.41 25.57
N PHE A 101 5.35 5.19 26.06
CA PHE A 101 5.01 4.85 27.42
C PHE A 101 6.04 5.42 28.38
N PRO A 102 5.61 5.77 29.61
CA PRO A 102 4.28 5.53 30.17
C PRO A 102 3.18 6.51 29.72
N GLU A 103 3.51 7.62 29.08
CA GLU A 103 2.48 8.61 28.69
C GLU A 103 1.37 8.06 27.75
N GLY A 104 1.74 7.19 26.82
CA GLY A 104 0.80 6.66 25.84
C GLY A 104 0.70 7.48 24.57
N PHE A 105 -0.31 7.19 23.77
CA PHE A 105 -0.50 7.85 22.47
C PHE A 105 -1.95 7.80 22.03
N SER A 106 -2.20 8.49 20.91
CA SER A 106 -3.49 8.44 20.27
C SER A 106 -3.30 8.37 18.76
N TRP A 107 -4.39 8.10 18.07
CA TRP A 107 -4.39 8.18 16.63
C TRP A 107 -5.74 8.57 16.11
N GLU A 108 -5.72 9.11 14.90
CA GLU A 108 -6.89 9.52 14.16
C GLU A 108 -6.75 8.94 12.79
N ARG A 109 -7.84 8.37 12.30
CA ARG A 109 -7.80 7.70 11.03
C ARG A 109 -8.99 8.12 10.18
N THR A 110 -8.76 8.09 8.88
CA THR A 110 -9.76 8.25 7.88
C THR A 110 -9.66 7.06 6.94
N THR A 111 -10.79 6.39 6.69
CA THR A 111 -10.87 5.29 5.74
C THR A 111 -11.88 5.63 4.63
N MET A 112 -11.41 5.67 3.39
CA MET A 112 -12.25 5.90 2.20
C MET A 112 -12.38 4.61 1.39
N TYR A 113 -13.60 4.09 1.29
CA TYR A 113 -13.85 2.88 0.50
C TYR A 113 -14.08 3.25 -0.95
N GLU A 114 -13.73 2.37 -1.87
CA GLU A 114 -13.86 2.71 -3.29
C GLU A 114 -15.31 2.93 -3.72
N ASP A 115 -16.28 2.37 -3.00
CA ASP A 115 -17.70 2.59 -3.30
C ASP A 115 -18.32 3.76 -2.53
N GLY A 116 -17.51 4.61 -1.90
CA GLY A 116 -18.03 5.82 -1.24
C GLY A 116 -18.16 5.77 0.28
N GLY A 117 -18.23 4.60 0.86
CA GLY A 117 -18.14 4.46 2.32
C GLY A 117 -16.99 5.29 2.90
N TYR A 118 -17.28 5.98 4.00
CA TYR A 118 -16.31 6.89 4.61
C TYR A 118 -16.35 6.77 6.12
N VAL A 119 -15.22 6.41 6.71
CA VAL A 119 -15.14 6.08 8.13
C VAL A 119 -14.07 6.91 8.80
N THR A 120 -14.45 7.70 9.81
CA THR A 120 -13.46 8.38 10.63
C THR A 120 -13.42 7.75 11.99
N ALA A 121 -12.24 7.75 12.57
CA ALA A 121 -12.03 7.17 13.90
C ALA A 121 -10.99 7.96 14.72
N HIS A 122 -11.19 7.97 16.03
CA HIS A 122 -10.22 8.50 16.96
C HIS A 122 -9.99 7.45 18.02
N GLN A 123 -8.75 7.30 18.47
CA GLN A 123 -8.41 6.29 19.48
C GLN A 123 -7.43 6.83 20.50
N ASP A 124 -7.59 6.41 21.76
CA ASP A 124 -6.59 6.64 22.80
C ASP A 124 -6.08 5.34 23.37
N THR A 125 -4.77 5.32 23.60
CA THR A 125 -4.09 4.14 24.10
C THR A 125 -3.30 4.53 25.33
N SER A 126 -3.51 3.81 26.41
CA SER A 126 -2.72 3.97 27.61
C SER A 126 -2.34 2.62 28.17
N LEU A 127 -1.38 2.62 29.07
CA LEU A 127 -0.90 1.41 29.71
C LEU A 127 -1.09 1.51 31.23
N ASP A 128 -1.80 0.54 31.80
CA ASP A 128 -2.08 0.50 33.24
C ASP A 128 -1.47 -0.79 33.83
N GLY A 129 -0.31 -0.69 34.45
CA GLY A 129 0.41 -1.87 34.87
C GLY A 129 0.68 -2.71 33.65
N ASN A 130 0.09 -3.88 33.59
CA ASN A 130 0.27 -4.75 32.45
C ASN A 130 -0.97 -4.80 31.54
N CYS A 131 -1.81 -3.77 31.62
CA CYS A 131 -3.01 -3.71 30.78
C CYS A 131 -3.00 -2.54 29.82
N LEU A 132 -3.06 -2.82 28.52
CA LEU A 132 -3.27 -1.80 27.53
C LEU A 132 -4.75 -1.47 27.52
N VAL A 133 -5.07 -0.17 27.60
CA VAL A 133 -6.45 0.29 27.57
C VAL A 133 -6.69 1.15 26.33
N TYR A 134 -7.68 0.78 25.52
CA TYR A 134 -7.99 1.49 24.26
C TYR A 134 -9.40 2.07 24.31
N LYS A 135 -9.53 3.34 23.94
CA LYS A 135 -10.83 3.99 23.81
C LYS A 135 -10.99 4.44 22.36
N ILE A 136 -12.06 3.98 21.73
CA ILE A 136 -12.20 4.11 20.30
C ILE A 136 -13.55 4.72 19.94
N LYS A 137 -13.49 5.76 19.09
CA LYS A 137 -14.70 6.32 18.51
C LYS A 137 -14.67 6.15 16.99
N VAL A 138 -15.73 5.55 16.45
CA VAL A 138 -15.80 5.29 15.02
C VAL A 138 -17.10 5.87 14.48
N ILE A 139 -17.01 6.66 13.41
CA ILE A 139 -18.19 7.13 12.73
C ILE A 139 -18.09 6.88 11.24
N GLY A 140 -19.02 6.08 10.73
CA GLY A 140 -19.09 5.75 9.31
C GLY A 140 -20.37 6.26 8.69
N SER A 141 -20.26 6.79 7.47
CA SER A 141 -21.37 7.30 6.69
C SER A 141 -21.18 6.99 5.22
N ASN A 142 -22.29 7.03 4.49
CA ASN A 142 -22.29 6.94 3.04
C ASN A 142 -21.94 5.57 2.49
N LEU A 143 -22.07 4.55 3.34
CA LEU A 143 -21.86 3.19 2.89
C LEU A 143 -23.07 2.78 2.02
N PRO A 144 -22.84 2.25 0.82
CA PRO A 144 -24.07 1.93 0.07
C PRO A 144 -24.94 0.89 0.78
N ALA A 145 -26.25 1.14 0.77
CA ALA A 145 -27.24 0.27 1.42
C ALA A 145 -27.17 -1.17 0.90
N ASN A 146 -26.98 -1.29 -0.40
CA ASN A 146 -26.87 -2.60 -1.04
C ASN A 146 -25.44 -3.03 -1.38
N GLY A 147 -24.45 -2.38 -0.78
CA GLY A 147 -23.07 -2.81 -0.93
C GLY A 147 -22.75 -4.00 -0.03
N PRO A 148 -21.55 -4.55 -0.17
CA PRO A 148 -21.18 -5.75 0.56
C PRO A 148 -21.11 -5.57 2.10
N VAL A 149 -20.79 -4.37 2.56
CA VAL A 149 -20.68 -4.13 4.00
C VAL A 149 -22.07 -4.11 4.68
N MET A 150 -22.95 -3.30 4.14
CA MET A 150 -24.32 -3.20 4.67
C MET A 150 -25.13 -4.48 4.47
N GLN A 151 -24.79 -5.27 3.47
CA GLN A 151 -25.46 -6.54 3.24
C GLN A 151 -24.80 -7.76 3.88
N ASN A 152 -23.78 -7.59 4.72
CA ASN A 152 -22.96 -8.73 5.21
C ASN A 152 -22.48 -9.75 4.20
N LYS A 153 -21.94 -9.30 3.09
CA LYS A 153 -21.44 -10.21 2.07
C LYS A 153 -19.90 -10.27 2.06
N THR A 154 -19.27 -9.85 3.15
CA THR A 154 -17.79 -9.80 3.19
C THR A 154 -17.20 -10.94 4.02
N ARG A 155 -15.98 -11.35 3.68
CA ARG A 155 -15.36 -12.53 4.29
C ARG A 155 -14.02 -12.22 4.93
N GLY A 156 -13.88 -11.06 5.57
CA GLY A 156 -12.61 -10.69 6.18
C GLY A 156 -11.59 -10.04 5.26
N TRP A 157 -10.48 -9.61 5.87
CA TRP A 157 -9.49 -8.77 5.21
C TRP A 157 -8.31 -9.56 4.69
N GLU A 158 -7.74 -9.12 3.57
CA GLU A 158 -6.40 -9.56 3.15
C GLU A 158 -5.38 -8.92 4.08
N PRO A 159 -4.19 -9.54 4.25
CA PRO A 159 -3.13 -8.80 4.93
C PRO A 159 -2.81 -7.52 4.12
N CYS A 160 -2.18 -6.55 4.75
CA CYS A 160 -1.93 -5.28 4.12
C CYS A 160 -0.57 -4.75 4.59
N THR A 161 -0.02 -3.80 3.83
CA THR A 161 1.18 -3.15 4.30
C THR A 161 0.96 -1.66 4.38
N GLU A 162 1.36 -1.10 5.52
CA GLU A 162 1.18 0.30 5.79
C GLU A 162 2.55 0.96 5.70
N MET A 163 2.60 2.10 5.01
CA MET A 163 3.79 2.94 4.97
C MET A 163 3.75 3.87 6.18
N ARG A 164 4.89 4.09 6.84
CA ARG A 164 4.97 5.01 7.97
C ARG A 164 6.11 5.99 7.81
N TYR A 165 5.83 7.26 8.09
CA TYR A 165 6.81 8.30 7.94
C TYR A 165 6.47 9.48 8.85
N VAL A 166 7.48 10.29 9.13
CA VAL A 166 7.33 11.42 10.02
C VAL A 166 6.80 12.62 9.26
N ARG A 167 5.80 13.29 9.82
CA ARG A 167 5.30 14.53 9.21
C ARG A 167 4.78 15.46 10.29
N GLY A 168 5.15 16.74 10.19
CA GLY A 168 4.81 17.73 11.22
C GLY A 168 5.06 17.21 12.63
N GLY A 169 6.19 16.55 12.84
CA GLY A 169 6.62 16.18 14.16
C GLY A 169 5.93 14.98 14.77
N VAL A 170 4.98 14.38 14.05
CA VAL A 170 4.35 13.13 14.50
C VAL A 170 4.50 12.04 13.44
N LEU A 171 3.98 10.85 13.72
CA LEU A 171 4.06 9.75 12.79
C LEU A 171 2.78 9.63 12.01
N CYS A 172 2.94 9.47 10.68
CA CYS A 172 1.85 9.22 9.75
C CYS A 172 1.92 7.84 9.17
N GLY A 173 0.76 7.28 8.87
CA GLY A 173 0.67 6.03 8.17
C GLY A 173 -0.41 6.06 7.11
N GLN A 174 -0.21 5.24 6.09
CA GLN A 174 -1.19 5.07 5.04
C GLN A 174 -1.11 3.65 4.51
N SER A 175 -2.24 3.13 4.13
CA SER A 175 -2.25 1.81 3.57
C SER A 175 -3.46 1.65 2.70
N LEU A 176 -3.39 0.63 1.85
CA LEU A 176 -4.53 0.19 1.09
C LEU A 176 -4.92 -1.16 1.66
N MET A 177 -6.21 -1.38 1.81
CA MET A 177 -6.71 -2.65 2.31
C MET A 177 -7.76 -3.22 1.37
N ALA A 178 -7.91 -4.53 1.40
CA ALA A 178 -8.84 -5.20 0.51
C ALA A 178 -9.69 -6.15 1.30
N LEU A 179 -10.99 -5.96 1.20
CA LEU A 179 -11.96 -6.79 1.91
C LEU A 179 -12.48 -7.86 0.96
N LYS A 180 -12.36 -9.13 1.35
CA LYS A 180 -12.93 -10.23 0.56
C LYS A 180 -14.46 -10.22 0.54
N CYS A 181 -15.03 -10.39 -0.66
CA CYS A 181 -16.48 -10.47 -0.83
C CYS A 181 -16.93 -11.88 -1.17
N ALA A 182 -18.19 -12.19 -0.84
CA ALA A 182 -18.76 -13.52 -1.04
C ALA A 182 -18.63 -13.98 -2.51
N ASP A 183 -18.82 -13.06 -3.45
CA ASP A 183 -18.77 -13.39 -4.88
C ASP A 183 -17.35 -13.54 -5.46
N GLY A 184 -16.31 -13.25 -4.68
CA GLY A 184 -14.93 -13.47 -5.11
C GLY A 184 -14.23 -12.19 -5.49
N ASN A 185 -14.95 -11.08 -5.44
CA ASN A 185 -14.32 -9.80 -5.61
C ASN A 185 -13.63 -9.32 -4.35
N HIS A 186 -12.90 -8.22 -4.50
CA HIS A 186 -12.41 -7.50 -3.38
C HIS A 186 -13.00 -6.11 -3.42
N LEU A 187 -13.35 -5.60 -2.23
CA LEU A 187 -13.71 -4.21 -2.04
C LEU A 187 -12.50 -3.52 -1.39
N THR A 188 -11.97 -2.49 -2.03
CA THR A 188 -10.77 -1.84 -1.54
C THR A 188 -11.03 -0.50 -0.85
N CYS A 189 -10.09 -0.12 0.00
CA CYS A 189 -10.15 1.18 0.70
C CYS A 189 -8.75 1.77 0.94
N GLN A 190 -8.73 3.05 1.25
CA GLN A 190 -7.50 3.77 1.56
C GLN A 190 -7.57 4.32 2.98
N LEU A 191 -6.54 4.02 3.77
CA LEU A 191 -6.47 4.49 5.15
C LEU A 191 -5.40 5.56 5.28
N ARG A 192 -5.72 6.64 5.99
CA ARG A 192 -4.75 7.63 6.44
C ARG A 192 -4.82 7.75 7.95
N THR A 193 -3.70 7.54 8.62
CA THR A 193 -3.62 7.63 10.08
C THR A 193 -2.58 8.68 10.47
N THR A 194 -2.92 9.49 11.46
CA THR A 194 -1.96 10.31 12.19
C THR A 194 -1.82 9.72 13.58
N TYR A 195 -0.61 9.33 13.96
CA TYR A 195 -0.33 8.80 15.29
C TYR A 195 0.35 9.93 16.06
N ARG A 196 -0.09 10.18 17.31
CA ARG A 196 0.47 11.27 18.12
C ARG A 196 0.87 10.76 19.49
N SER A 197 2.17 10.78 19.77
CA SER A 197 2.66 10.44 21.10
C SER A 197 2.19 11.47 22.13
N LYS A 198 1.96 11.04 23.36
CA LYS A 198 1.65 11.95 24.45
C LYS A 198 2.92 12.45 25.15
N LYS A 199 4.09 11.96 24.72
CA LYS A 199 5.39 12.56 25.03
C LYS A 199 5.71 13.65 24.00
N PRO A 200 6.47 14.68 24.40
CA PRO A 200 7.01 15.65 23.39
C PRO A 200 8.08 15.07 22.43
N ALA A 201 8.08 15.59 21.21
CA ALA A 201 8.94 15.13 20.12
C ALA A 201 10.39 15.00 20.54
N LYS A 202 10.88 15.96 21.31
CA LYS A 202 12.28 15.98 21.71
C LYS A 202 12.62 14.90 22.75
N LYS A 203 11.63 14.22 23.29
CA LYS A 203 11.88 13.03 24.08
C LYS A 203 11.87 11.72 23.27
N LEU A 204 11.68 11.81 21.95
CA LEU A 204 11.51 10.59 21.15
C LEU A 204 12.54 10.47 20.04
N GLN A 205 12.99 9.24 19.79
CA GLN A 205 13.77 8.98 18.60
C GLN A 205 12.83 8.64 17.45
N MET A 206 12.83 9.46 16.40
CA MET A 206 11.88 9.28 15.30
C MET A 206 12.43 8.30 14.29
N PRO A 207 11.59 7.43 13.72
CA PRO A 207 12.08 6.47 12.72
C PRO A 207 12.17 7.07 11.32
N ALA A 208 12.96 6.42 10.48
CA ALA A 208 12.95 6.72 9.05
C ALA A 208 11.73 6.06 8.42
N PHE A 209 11.46 6.44 7.17
CA PHE A 209 10.38 5.85 6.40
C PHE A 209 10.47 4.33 6.43
N HIS A 210 9.35 3.67 6.68
CA HIS A 210 9.34 2.24 6.74
C HIS A 210 7.93 1.71 6.59
N PHE A 211 7.78 0.41 6.81
CA PHE A 211 6.54 -0.28 6.55
C PHE A 211 6.09 -1.06 7.76
N SER A 212 4.79 -1.29 7.84
CA SER A 212 4.27 -2.24 8.76
C SER A 212 3.32 -3.18 8.05
N ASP A 213 3.49 -4.48 8.26
CA ASP A 213 2.56 -5.45 7.70
C ASP A 213 1.54 -5.82 8.76
N HIS A 214 0.27 -5.96 8.38
CA HIS A 214 -0.79 -6.35 9.30
C HIS A 214 -1.65 -7.46 8.74
N ARG A 215 -2.12 -8.33 9.64
CA ARG A 215 -2.94 -9.49 9.26
C ARG A 215 -4.01 -9.81 10.30
N PRO A 216 -5.14 -9.08 10.23
CA PRO A 216 -6.27 -9.28 11.12
C PRO A 216 -7.18 -10.38 10.62
N GLU A 217 -7.50 -11.33 11.50
CA GLU A 217 -8.35 -12.46 11.14
C GLU A 217 -9.39 -12.74 12.25
N ILE A 218 -10.64 -12.96 11.84
CA ILE A 218 -11.69 -13.42 12.75
C ILE A 218 -11.55 -14.93 12.89
N LEU A 219 -11.19 -15.39 14.08
CA LEU A 219 -11.01 -16.81 14.32
C LEU A 219 -12.33 -17.52 14.66
N LYS A 220 -13.31 -16.78 15.17
CA LYS A 220 -14.53 -17.40 15.64
C LYS A 220 -15.61 -16.36 15.85
N VAL A 221 -16.85 -16.70 15.47
CA VAL A 221 -18.02 -15.87 15.75
C VAL A 221 -19.03 -16.68 16.55
N SER A 222 -19.49 -16.11 17.66
CA SER A 222 -20.47 -16.79 18.50
C SER A 222 -21.46 -15.76 19.09
N GLU A 223 -22.27 -16.19 20.06
CA GLU A 223 -23.37 -15.36 20.62
C GLU A 223 -24.17 -14.71 19.51
N ASN A 224 -24.43 -15.46 18.46
CA ASN A 224 -25.23 -14.99 17.33
C ASN A 224 -24.71 -13.72 16.65
N GLY A 225 -23.40 -13.64 16.50
CA GLY A 225 -22.77 -12.52 15.83
C GLY A 225 -22.36 -11.44 16.79
N ASN A 226 -22.62 -11.61 18.08
CA ASN A 226 -22.25 -10.59 19.06
C ASN A 226 -20.89 -10.75 19.72
N LEU A 227 -20.24 -11.87 19.48
CA LEU A 227 -18.94 -12.12 20.10
C LEU A 227 -17.97 -12.62 19.04
N MET A 228 -16.93 -11.84 18.79
CA MET A 228 -15.92 -12.14 17.76
C MET A 228 -14.60 -12.36 18.46
N GLU A 229 -13.88 -13.40 18.04
CA GLU A 229 -12.51 -13.61 18.47
C GLU A 229 -11.60 -13.20 17.30
N GLN A 230 -10.80 -12.17 17.51
CA GLN A 230 -10.01 -11.60 16.45
C GLN A 230 -8.52 -11.64 16.76
N TYR A 231 -7.76 -12.25 15.86
CA TYR A 231 -6.33 -12.35 15.97
C TYR A 231 -5.68 -11.35 15.03
N GLU A 232 -4.54 -10.80 15.46
CA GLU A 232 -3.72 -10.05 14.56
C GLU A 232 -2.24 -10.27 14.85
N MET A 233 -1.45 -10.16 13.79
CA MET A 233 -0.01 -10.04 13.90
C MET A 233 0.46 -8.87 13.04
N SER A 234 1.43 -8.13 13.57
CA SER A 234 2.00 -7.06 12.82
C SER A 234 3.51 -6.93 12.99
N VAL A 235 4.16 -6.48 11.91
CA VAL A 235 5.62 -6.45 11.78
C VAL A 235 6.06 -5.12 11.19
N GLY A 236 6.98 -4.45 11.87
CA GLY A 236 7.57 -3.20 11.37
C GLY A 236 8.91 -3.50 10.70
N ARG A 237 9.13 -3.00 9.48
CA ARG A 237 10.32 -3.39 8.70
C ARG A 237 10.60 -2.39 7.58
N TYR A 238 11.75 -2.52 6.96
CA TYR A 238 11.99 -1.86 5.68
C TYR A 238 11.62 -2.87 4.59
N CYS A 239 11.71 -2.45 3.34
CA CYS A 239 11.55 -3.35 2.21
C CYS A 239 12.83 -4.14 1.95
N GLU A 240 12.78 -5.44 2.19
CA GLU A 240 13.95 -6.31 2.09
C GLU A 240 13.89 -7.16 0.83
N SER A 241 12.76 -7.20 0.13
CA SER A 241 12.62 -8.07 -1.03
C SER A 241 13.39 -7.52 -2.23
N VAL A 242 13.57 -6.20 -2.26
CA VAL A 242 14.15 -5.52 -3.40
C VAL A 242 15.28 -4.61 -2.92
N PRO A 243 16.53 -5.05 -3.06
CA PRO A 243 17.63 -4.23 -2.56
C PRO A 243 17.93 -3.02 -3.46
N SER A 244 18.34 -1.94 -2.82
CA SER A 244 18.71 -0.70 -3.49
C SER A 244 20.12 -0.84 -4.11
N LYS A 245 20.34 -0.26 -5.28
CA LYS A 245 21.71 -0.11 -5.80
C LYS A 245 22.41 1.13 -5.24
N LEU A 246 21.70 1.97 -4.50
CA LEU A 246 22.29 3.17 -3.96
C LEU A 246 22.49 3.14 -2.45
N GLY A 247 22.32 1.98 -1.83
CA GLY A 247 22.37 1.90 -0.37
C GLY A 247 21.24 2.63 0.35
N HIS A 248 20.07 2.74 -0.29
CA HIS A 248 18.89 3.27 0.39
C HIS A 248 18.22 2.16 1.17
N ASN A 249 17.49 2.49 2.22
CA ASN A 249 16.66 1.48 2.88
C ASN A 249 15.58 0.96 1.93
N ALA B 23 8.51 -19.12 -22.63
CA ALA B 23 8.23 -18.25 -23.80
C ALA B 23 8.27 -16.75 -23.43
N ILE B 24 9.20 -16.39 -22.58
CA ILE B 24 9.88 -15.11 -22.71
C ILE B 24 11.33 -15.42 -22.35
N PRO B 25 12.31 -14.91 -23.12
CA PRO B 25 13.70 -15.26 -22.83
C PRO B 25 14.21 -14.72 -21.49
N GLU B 26 15.23 -15.36 -20.97
CA GLU B 26 15.83 -14.98 -19.71
C GLU B 26 16.59 -13.64 -19.79
N ASN B 27 16.87 -13.19 -21.00
CA ASN B 27 17.59 -11.96 -21.21
C ASN B 27 16.88 -11.21 -22.28
N VAL B 28 16.43 -9.98 -22.02
CA VAL B 28 15.68 -9.23 -23.00
C VAL B 28 16.22 -7.81 -23.16
N ARG B 29 15.99 -7.26 -24.35
CA ARG B 29 16.23 -5.85 -24.60
C ARG B 29 14.93 -5.11 -24.30
N ILE B 30 15.02 -3.88 -23.83
CA ILE B 30 13.86 -3.02 -23.72
C ILE B 30 13.97 -1.80 -24.65
N LYS B 31 12.95 -1.58 -25.45
CA LYS B 31 12.77 -0.30 -26.16
C LYS B 31 11.50 0.36 -25.64
N ALA B 32 11.59 1.61 -25.21
CA ALA B 32 10.42 2.32 -24.69
C ALA B 32 10.32 3.73 -25.28
N PHE B 33 9.09 4.14 -25.54
CA PHE B 33 8.78 5.40 -26.19
C PHE B 33 7.64 6.03 -25.37
N MET B 34 7.89 7.19 -24.79
CA MET B 34 6.91 7.86 -23.97
C MET B 34 6.68 9.24 -24.54
N GLU B 35 5.45 9.70 -24.46
CA GLU B 35 5.08 11.01 -24.95
C GLU B 35 3.99 11.54 -24.06
N GLY B 36 3.95 12.83 -23.88
CA GLY B 36 2.87 13.46 -23.10
C GLY B 36 3.11 14.93 -22.73
N ALA B 37 2.44 15.33 -21.66
CA ALA B 37 2.58 16.69 -21.13
C ALA B 37 2.24 16.65 -19.67
N ILE B 38 2.93 17.46 -18.89
CA ILE B 38 2.69 17.67 -17.48
C ILE B 38 2.42 19.13 -17.23
N ASN B 39 1.24 19.47 -16.71
CA ASN B 39 0.85 20.87 -16.55
C ASN B 39 1.12 21.62 -17.87
N ASN B 40 0.70 21.00 -18.97
CA ASN B 40 0.86 21.54 -20.31
C ASN B 40 2.31 21.72 -20.76
N HIS B 41 3.26 21.06 -20.11
CA HIS B 41 4.65 21.08 -20.57
C HIS B 41 4.91 19.81 -21.35
N HIS B 42 4.87 19.93 -22.67
CA HIS B 42 5.06 18.78 -23.55
C HIS B 42 6.45 18.17 -23.41
N PHE B 43 6.51 16.85 -23.45
CA PHE B 43 7.79 16.17 -23.43
C PHE B 43 7.71 14.90 -24.24
N LYS B 44 8.89 14.37 -24.53
CA LYS B 44 9.01 13.10 -25.20
C LYS B 44 10.28 12.42 -24.71
N CYS B 45 10.22 11.09 -24.55
CA CYS B 45 11.37 10.29 -24.11
C CYS B 45 11.51 9.00 -24.89
N GLU B 46 12.74 8.59 -25.14
CA GLU B 46 13.05 7.26 -25.68
C GLU B 46 13.96 6.55 -24.72
N ALA B 47 13.76 5.26 -24.56
CA ALA B 47 14.62 4.48 -23.69
C ALA B 47 15.13 3.22 -24.36
N GLU B 48 16.37 2.89 -24.01
CA GLU B 48 17.02 1.69 -24.45
C GLU B 48 17.49 0.97 -23.17
N GLY B 49 17.27 -0.33 -23.08
CA GLY B 49 17.64 -1.03 -21.86
C GLY B 49 17.60 -2.52 -21.97
N GLU B 50 17.65 -3.17 -20.83
CA GLU B 50 17.76 -4.60 -20.80
C GLU B 50 17.24 -5.13 -19.46
N GLY B 51 16.74 -6.37 -19.48
CA GLY B 51 16.20 -6.99 -18.29
C GLY B 51 16.34 -8.50 -18.25
N LYS B 52 16.09 -9.02 -17.05
CA LYS B 52 16.08 -10.42 -16.72
C LYS B 52 14.71 -10.71 -16.13
N PRO B 53 13.76 -11.12 -16.99
CA PRO B 53 12.35 -11.22 -16.59
C PRO B 53 12.08 -12.09 -15.38
N TYR B 54 12.89 -13.15 -15.20
CA TYR B 54 12.73 -14.09 -14.08
C TYR B 54 13.55 -13.71 -12.84
N GLU B 55 14.54 -12.85 -13.01
CA GLU B 55 15.29 -12.27 -11.87
C GLU B 55 14.61 -11.00 -11.33
N GLY B 56 13.68 -10.45 -12.11
CA GLY B 56 12.99 -9.23 -11.77
C GLY B 56 13.83 -7.96 -11.79
N THR B 57 14.95 -7.97 -12.51
CA THR B 57 15.88 -6.83 -12.56
C THR B 57 15.94 -6.21 -13.98
N GLN B 58 16.10 -4.91 -14.04
CA GLN B 58 16.14 -4.21 -15.33
C GLN B 58 16.77 -2.83 -15.20
N LEU B 59 17.16 -2.30 -16.34
CA LEU B 59 17.86 -1.04 -16.41
C LEU B 59 17.47 -0.33 -17.71
N GLU B 60 17.05 0.92 -17.64
CA GLU B 60 16.72 1.68 -18.84
C GLU B 60 17.59 2.93 -18.86
N ARG B 61 18.12 3.24 -20.03
CA ARG B 61 18.79 4.51 -20.25
C ARG B 61 17.80 5.39 -21.00
N ILE B 62 17.32 6.41 -20.31
CA ILE B 62 16.18 7.24 -20.76
C ILE B 62 16.66 8.60 -21.22
N ARG B 63 16.41 8.91 -22.48
CA ARG B 63 16.75 10.20 -23.05
C ARG B 63 15.51 11.09 -23.29
N VAL B 64 15.56 12.33 -22.82
CA VAL B 64 14.50 13.29 -23.10
C VAL B 64 14.83 13.91 -24.47
N THR B 65 14.01 13.63 -25.46
CA THR B 65 14.29 14.05 -26.82
C THR B 65 13.48 15.27 -27.26
N GLU B 66 12.42 15.62 -26.55
CA GLU B 66 11.68 16.85 -26.80
C GLU B 66 11.20 17.41 -25.46
N GLY B 67 11.12 18.74 -25.34
CA GLY B 67 10.67 19.40 -24.11
C GLY B 67 11.71 19.50 -23.01
N GLY B 68 12.95 19.10 -23.32
CA GLY B 68 14.05 19.25 -22.38
C GLY B 68 14.60 20.66 -22.46
N PRO B 69 15.28 21.12 -21.40
CA PRO B 69 15.35 20.49 -20.07
C PRO B 69 14.01 20.57 -19.34
N LEU B 70 13.57 19.45 -18.77
CA LEU B 70 12.26 19.37 -18.15
C LEU B 70 12.08 20.42 -17.06
N PRO B 71 11.03 21.25 -17.15
CA PRO B 71 10.71 22.19 -16.08
C PRO B 71 9.93 21.55 -14.93
N PHE B 72 10.03 20.24 -14.76
CA PHE B 72 9.42 19.55 -13.63
C PHE B 72 10.28 18.34 -13.32
N SER B 73 10.05 17.74 -12.17
CA SER B 73 10.86 16.62 -11.73
C SER B 73 10.60 15.40 -12.59
N PHE B 74 11.67 14.77 -13.06
CA PHE B 74 11.58 13.56 -13.84
C PHE B 74 10.99 12.40 -13.03
N ASP B 75 11.05 12.49 -11.70
CA ASP B 75 10.56 11.42 -10.85
C ASP B 75 9.12 11.02 -11.14
N ILE B 76 8.30 11.96 -11.59
CA ILE B 76 6.91 11.65 -11.82
C ILE B 76 6.71 10.78 -13.05
N LEU B 77 7.73 10.72 -13.92
CA LEU B 77 7.69 9.87 -15.10
C LEU B 77 8.19 8.48 -14.78
N SER B 78 9.17 8.38 -13.89
CA SER B 78 9.83 7.11 -13.57
C SER B 78 8.93 5.88 -13.50
N PRO B 79 7.87 5.92 -12.69
CA PRO B 79 7.15 4.64 -12.53
C PRO B 79 6.35 4.24 -13.77
N HIS B 80 6.33 5.07 -14.80
CA HIS B 80 5.67 4.69 -16.05
C HIS B 80 6.56 3.98 -17.06
N PHE B 81 7.87 3.98 -16.82
CA PHE B 81 8.81 3.31 -17.73
C PHE B 81 8.93 1.81 -17.45
N1 CRQ B 82 8.60 1.89 -16.22
CA1 CRQ B 82 8.67 0.98 -15.28
CB1 CRQ B 82 10.06 0.51 -14.87
CG1 CRQ B 82 11.12 1.58 -14.82
C1 CRQ B 82 7.69 0.80 -14.40
N2 CRQ B 82 7.80 0.74 -13.07
N3 CRQ B 82 6.44 0.50 -14.74
C2 CRQ B 82 5.77 0.30 -13.59
O2 CRQ B 82 4.57 0.04 -13.53
CA2 CRQ B 82 6.60 0.46 -12.55
CA3 CRQ B 82 5.86 0.46 -16.06
CB2 CRQ B 82 6.40 0.34 -11.20
CG2 CRQ B 82 5.16 0.29 -10.51
CD1 CRQ B 82 5.02 1.03 -9.33
CD2 CRQ B 82 4.07 -0.50 -10.91
CE1 CRQ B 82 3.83 1.04 -8.60
CE2 CRQ B 82 2.89 -0.50 -10.19
CZ CRQ B 82 2.75 0.27 -9.02
OH CRQ B 82 1.67 0.27 -8.39
OE1 CRQ B 82 13.30 1.69 -13.91
C3 CRQ B 82 6.46 -0.67 -16.94
O3 CRQ B 82 5.68 -1.23 -17.77
CD3 CRQ B 82 12.55 1.06 -14.62
NE1 CRQ B 82 12.99 0.19 -15.51
N SER B 83 7.13 -1.65 -16.36
CA SER B 83 7.85 -2.78 -17.03
C SER B 83 7.55 -4.12 -16.33
N VAL B 84 6.27 -4.48 -16.31
CA VAL B 84 5.77 -5.48 -15.36
C VAL B 84 5.92 -6.93 -15.84
N ALA B 85 6.41 -7.11 -17.07
CA ALA B 85 6.76 -8.45 -17.55
C ALA B 85 8.04 -8.91 -16.88
N ILE B 86 8.73 -7.98 -16.24
CA ILE B 86 9.96 -8.27 -15.56
C ILE B 86 9.72 -8.25 -14.06
N THR B 87 9.47 -9.44 -13.51
CA THR B 87 9.18 -9.63 -12.10
C THR B 87 9.60 -11.02 -11.65
N LYS B 88 10.27 -11.11 -10.53
CA LYS B 88 10.58 -12.39 -9.94
C LYS B 88 9.36 -12.86 -9.15
N TYR B 89 8.66 -13.87 -9.67
CA TYR B 89 7.44 -14.34 -9.02
C TYR B 89 7.73 -15.51 -8.10
N LEU B 90 7.40 -15.35 -6.84
CA LEU B 90 7.67 -16.36 -5.83
C LEU B 90 6.43 -17.20 -5.56
N SER B 91 6.64 -18.27 -4.80
CA SER B 91 5.56 -19.09 -4.26
C SER B 91 4.62 -19.63 -5.30
N GLY B 92 5.12 -19.84 -6.51
CA GLY B 92 4.32 -20.37 -7.59
C GLY B 92 3.13 -19.56 -8.03
N ILE B 93 3.14 -18.26 -7.75
CA ILE B 93 2.02 -17.40 -8.15
C ILE B 93 1.96 -17.30 -9.69
N PRO B 94 0.78 -17.57 -10.30
CA PRO B 94 0.64 -17.40 -11.75
C PRO B 94 1.00 -16.02 -12.25
N ASP B 95 1.86 -15.97 -13.27
CA ASP B 95 2.42 -14.71 -13.82
C ASP B 95 1.57 -14.25 -14.98
N TYR B 96 0.66 -13.33 -14.73
CA TYR B 96 -0.32 -12.88 -15.71
C TYR B 96 0.36 -12.28 -16.94
N PHE B 97 1.56 -11.74 -16.76
CA PHE B 97 2.23 -11.02 -17.81
C PHE B 97 3.05 -11.93 -18.69
N LYS B 98 3.81 -12.83 -18.07
CA LYS B 98 4.61 -13.77 -18.84
C LYS B 98 3.72 -14.75 -19.60
N GLN B 99 2.58 -15.13 -19.01
CA GLN B 99 1.53 -15.92 -19.69
C GLN B 99 0.93 -15.25 -20.92
N SER B 100 0.95 -13.92 -20.98
CA SER B 100 0.27 -13.19 -22.04
C SER B 100 1.02 -13.14 -23.36
N PHE B 101 2.28 -13.56 -23.38
CA PHE B 101 3.05 -13.64 -24.63
C PHE B 101 2.74 -14.92 -25.35
N PRO B 102 2.79 -14.91 -26.69
CA PRO B 102 3.32 -13.85 -27.55
C PRO B 102 2.41 -12.65 -27.78
N GLU B 103 1.17 -12.74 -27.35
CA GLU B 103 0.19 -11.71 -27.67
C GLU B 103 0.53 -10.33 -27.07
N GLY B 104 1.05 -10.33 -25.84
CA GLY B 104 1.28 -9.07 -25.11
C GLY B 104 0.12 -8.59 -24.24
N PHE B 105 0.21 -7.33 -23.80
CA PHE B 105 -0.77 -6.73 -22.91
C PHE B 105 -0.63 -5.23 -22.92
N SER B 106 -1.58 -4.57 -22.28
CA SER B 106 -1.56 -3.15 -22.12
C SER B 106 -1.91 -2.84 -20.69
N TRP B 107 -1.73 -1.59 -20.29
CA TRP B 107 -2.24 -1.13 -19.01
C TRP B 107 -2.69 0.33 -19.02
N GLU B 108 -3.56 0.65 -18.08
CA GLU B 108 -4.07 2.02 -17.88
C GLU B 108 -3.88 2.35 -16.40
N ARG B 109 -3.48 3.56 -16.11
CA ARG B 109 -3.21 3.94 -14.73
C ARG B 109 -3.63 5.36 -14.45
N THR B 110 -4.03 5.58 -13.20
CA THR B 110 -4.25 6.92 -12.68
C THR B 110 -3.47 7.06 -11.39
N THR B 111 -2.86 8.21 -11.21
CA THR B 111 -2.10 8.52 -10.03
C THR B 111 -2.65 9.84 -9.48
N MET B 112 -3.12 9.80 -8.23
CA MET B 112 -3.63 10.96 -7.52
C MET B 112 -2.66 11.32 -6.40
N TYR B 113 -2.01 12.46 -6.53
CA TYR B 113 -1.10 12.98 -5.52
C TYR B 113 -1.87 13.71 -4.44
N GLU B 114 -1.37 13.64 -3.21
CA GLU B 114 -2.06 14.22 -2.07
C GLU B 114 -2.23 15.75 -2.13
N ASP B 115 -1.42 16.42 -2.94
CA ASP B 115 -1.55 17.86 -3.15
C ASP B 115 -2.41 18.27 -4.35
N GLY B 116 -3.10 17.32 -4.98
CA GLY B 116 -4.04 17.64 -6.07
C GLY B 116 -3.53 17.27 -7.45
N GLY B 117 -2.22 17.11 -7.59
CA GLY B 117 -1.64 16.53 -8.82
C GLY B 117 -2.35 15.27 -9.29
N TYR B 118 -2.52 15.14 -10.60
CA TYR B 118 -3.31 14.07 -11.18
C TYR B 118 -2.70 13.63 -12.50
N VAL B 119 -2.40 12.33 -12.61
CA VAL B 119 -1.67 11.81 -13.77
C VAL B 119 -2.37 10.59 -14.31
N THR B 120 -2.68 10.61 -15.60
CA THR B 120 -3.23 9.43 -16.27
C THR B 120 -2.27 8.91 -17.31
N ALA B 121 -2.25 7.60 -17.47
CA ALA B 121 -1.31 6.97 -18.37
C ALA B 121 -1.91 5.73 -19.00
N HIS B 122 -1.55 5.47 -20.25
CA HIS B 122 -1.77 4.16 -20.82
C HIS B 122 -0.56 3.67 -21.61
N GLN B 123 -0.49 2.34 -21.74
CA GLN B 123 0.71 1.69 -22.16
C GLN B 123 0.38 0.43 -22.94
N ASP B 124 1.14 0.21 -24.00
CA ASP B 124 1.06 -1.03 -24.76
C ASP B 124 2.40 -1.75 -24.71
N THR B 125 2.36 -3.04 -24.44
CA THR B 125 3.56 -3.85 -24.28
C THR B 125 3.55 -4.98 -25.29
N SER B 126 4.60 -5.07 -26.09
CA SER B 126 4.76 -6.19 -26.99
C SER B 126 6.16 -6.76 -26.90
N LEU B 127 6.28 -7.98 -27.41
CA LEU B 127 7.51 -8.74 -27.48
C LEU B 127 7.83 -9.07 -28.94
N ASP B 128 9.00 -8.62 -29.41
CA ASP B 128 9.52 -8.91 -30.73
C ASP B 128 10.88 -9.61 -30.58
N GLY B 129 10.91 -10.94 -30.78
CA GLY B 129 12.10 -11.72 -30.48
C GLY B 129 12.36 -11.72 -28.97
N ASN B 130 13.56 -11.26 -28.58
CA ASN B 130 13.83 -11.01 -27.17
C ASN B 130 13.79 -9.51 -26.85
N CYS B 131 13.12 -8.72 -27.71
CA CYS B 131 12.96 -7.29 -27.44
C CYS B 131 11.55 -6.91 -27.01
N LEU B 132 11.42 -6.44 -25.77
CA LEU B 132 10.19 -5.82 -25.29
C LEU B 132 10.10 -4.39 -25.82
N VAL B 133 8.92 -4.03 -26.31
CA VAL B 133 8.65 -2.69 -26.81
C VAL B 133 7.49 -2.07 -26.02
N TYR B 134 7.76 -0.91 -25.42
CA TYR B 134 6.75 -0.16 -24.68
C TYR B 134 6.38 1.16 -25.40
N LYS B 135 5.08 1.39 -25.59
CA LYS B 135 4.56 2.68 -26.02
C LYS B 135 3.73 3.23 -24.89
N ILE B 136 4.06 4.45 -24.46
CA ILE B 136 3.52 5.00 -23.24
C ILE B 136 3.01 6.40 -23.53
N LYS B 137 1.81 6.70 -23.05
CA LYS B 137 1.22 8.05 -23.11
C LYS B 137 0.96 8.49 -21.69
N VAL B 138 1.47 9.65 -21.30
CA VAL B 138 1.37 10.15 -19.94
C VAL B 138 0.89 11.60 -19.91
N ILE B 139 -0.23 11.85 -19.22
CA ILE B 139 -0.76 13.21 -19.07
C ILE B 139 -0.99 13.56 -17.60
N GLY B 140 -0.39 14.67 -17.18
CA GLY B 140 -0.48 15.14 -15.82
C GLY B 140 -0.96 16.59 -15.78
N SER B 141 -1.81 16.88 -14.80
CA SER B 141 -2.42 18.18 -14.64
C SER B 141 -2.70 18.49 -13.17
N ASN B 142 -2.92 19.77 -12.92
CA ASN B 142 -3.30 20.23 -11.61
C ASN B 142 -2.19 20.05 -10.60
N LEU B 143 -0.95 19.96 -11.06
CA LEU B 143 0.16 19.85 -10.16
C LEU B 143 0.37 21.24 -9.57
N PRO B 144 0.46 21.36 -8.24
CA PRO B 144 0.70 22.69 -7.65
C PRO B 144 1.97 23.37 -8.20
N ALA B 145 1.82 24.61 -8.69
CA ALA B 145 2.92 25.33 -9.32
C ALA B 145 4.11 25.48 -8.39
N ASN B 146 3.84 25.66 -7.10
CA ASN B 146 4.89 25.79 -6.08
C ASN B 146 5.16 24.50 -5.31
N GLY B 147 4.59 23.39 -5.77
CA GLY B 147 4.84 22.08 -5.17
C GLY B 147 6.21 21.51 -5.56
N PRO B 148 6.62 20.43 -4.89
CA PRO B 148 7.96 19.84 -5.11
C PRO B 148 8.25 19.36 -6.53
N VAL B 149 7.24 18.85 -7.20
CA VAL B 149 7.46 18.32 -8.54
C VAL B 149 7.79 19.42 -9.53
N MET B 150 6.98 20.48 -9.55
CA MET B 150 7.14 21.57 -10.51
C MET B 150 8.29 22.48 -10.11
N GLN B 151 8.66 22.51 -8.84
CA GLN B 151 9.88 23.20 -8.40
C GLN B 151 11.11 22.31 -8.56
N ASN B 152 10.92 21.09 -9.02
CA ASN B 152 12.03 20.17 -9.21
C ASN B 152 12.82 19.99 -7.93
N LYS B 153 12.12 19.61 -6.86
CA LYS B 153 12.70 19.48 -5.54
C LYS B 153 12.39 18.13 -4.93
N THR B 154 12.41 17.09 -5.75
CA THR B 154 12.20 15.73 -5.28
C THR B 154 13.50 14.99 -5.36
N ARG B 155 13.61 13.89 -4.62
CA ARG B 155 14.86 13.12 -4.54
C ARG B 155 14.62 11.63 -4.78
N GLY B 156 13.71 11.27 -5.67
CA GLY B 156 13.43 9.87 -5.93
C GLY B 156 12.41 9.20 -5.01
N TRP B 157 12.03 7.98 -5.38
CA TRP B 157 10.92 7.29 -4.78
C TRP B 157 11.35 6.33 -3.72
N GLU B 158 10.53 6.17 -2.68
CA GLU B 158 10.68 5.05 -1.77
C GLU B 158 10.28 3.76 -2.49
N PRO B 159 10.81 2.61 -2.04
CA PRO B 159 10.24 1.39 -2.59
C PRO B 159 8.77 1.31 -2.19
N CYS B 160 7.99 0.54 -2.93
CA CYS B 160 6.56 0.48 -2.69
C CYS B 160 6.06 -0.93 -2.84
N THR B 161 4.84 -1.14 -2.36
CA THR B 161 4.19 -2.43 -2.44
C THR B 161 2.84 -2.23 -3.14
N GLU B 162 2.66 -2.95 -4.23
CA GLU B 162 1.41 -2.96 -4.97
C GLU B 162 0.58 -4.21 -4.64
N MET B 163 -0.71 -4.04 -4.36
CA MET B 163 -1.62 -5.20 -4.26
C MET B 163 -2.17 -5.57 -5.63
N ARG B 164 -2.28 -6.86 -5.91
CA ARG B 164 -2.80 -7.31 -7.20
C ARG B 164 -3.88 -8.35 -7.01
N TYR B 165 -4.97 -8.16 -7.72
CA TYR B 165 -6.12 -9.05 -7.65
C TYR B 165 -6.94 -8.96 -8.94
N VAL B 166 -7.77 -9.98 -9.13
CA VAL B 166 -8.62 -10.11 -10.29
C VAL B 166 -9.92 -9.31 -10.14
N ARG B 167 -10.26 -8.58 -11.18
CA ARG B 167 -11.55 -7.90 -11.27
C ARG B 167 -11.98 -7.75 -12.72
N GLY B 168 -13.22 -8.14 -13.01
CA GLY B 168 -13.77 -7.99 -14.35
C GLY B 168 -13.06 -8.86 -15.35
N GLY B 169 -12.54 -10.00 -14.90
CA GLY B 169 -11.78 -10.88 -15.76
C GLY B 169 -10.37 -10.41 -16.12
N VAL B 170 -9.95 -9.25 -15.62
CA VAL B 170 -8.60 -8.73 -15.87
C VAL B 170 -7.85 -8.60 -14.55
N LEU B 171 -6.64 -8.03 -14.58
CA LEU B 171 -5.84 -7.91 -13.38
C LEU B 171 -5.79 -6.46 -12.95
N CYS B 172 -6.08 -6.21 -11.68
CA CYS B 172 -6.01 -4.88 -11.12
C CYS B 172 -4.89 -4.76 -10.12
N GLY B 173 -4.32 -3.59 -10.06
CA GLY B 173 -3.28 -3.30 -9.10
C GLY B 173 -3.58 -1.97 -8.44
N GLN B 174 -3.14 -1.83 -7.20
CA GLN B 174 -3.13 -0.54 -6.52
C GLN B 174 -1.97 -0.44 -5.60
N SER B 175 -1.43 0.76 -5.48
CA SER B 175 -0.36 1.02 -4.55
C SER B 175 -0.42 2.43 -4.03
N LEU B 176 0.30 2.65 -2.95
CA LEU B 176 0.62 3.97 -2.47
C LEU B 176 2.12 4.13 -2.67
N MET B 177 2.53 5.30 -3.17
CA MET B 177 3.95 5.59 -3.30
C MET B 177 4.31 6.86 -2.55
N ALA B 178 5.58 7.01 -2.23
CA ALA B 178 6.04 8.15 -1.47
C ALA B 178 7.28 8.73 -2.12
N LEU B 179 7.17 9.98 -2.55
CA LEU B 179 8.29 10.75 -3.09
C LEU B 179 9.02 11.51 -2.00
N LYS B 180 10.33 11.30 -1.93
CA LYS B 180 11.20 12.08 -1.06
C LYS B 180 11.36 13.50 -1.58
N CYS B 181 11.33 14.46 -0.66
CA CYS B 181 11.51 15.87 -1.00
C CYS B 181 12.82 16.40 -0.39
N ALA B 182 13.41 17.40 -1.03
CA ALA B 182 14.70 17.94 -0.58
C ALA B 182 14.66 18.37 0.89
N ASP B 183 13.55 18.94 1.33
CA ASP B 183 13.40 19.38 2.72
C ASP B 183 13.18 18.23 3.72
N GLY B 184 13.17 16.97 3.27
CA GLY B 184 13.01 15.82 4.19
C GLY B 184 11.59 15.26 4.28
N ASN B 185 10.61 15.99 3.75
CA ASN B 185 9.25 15.51 3.74
C ASN B 185 9.00 14.45 2.67
N HIS B 186 7.85 13.79 2.74
CA HIS B 186 7.40 12.92 1.65
C HIS B 186 6.13 13.45 1.06
N LEU B 187 6.01 13.36 -0.25
CA LEU B 187 4.79 13.65 -0.96
C LEU B 187 4.24 12.33 -1.49
N THR B 188 3.00 12.01 -1.12
CA THR B 188 2.45 10.70 -1.42
C THR B 188 1.37 10.69 -2.49
N CYS B 189 1.11 9.51 -3.02
CA CYS B 189 0.13 9.35 -4.07
C CYS B 189 -0.42 7.94 -4.13
N GLN B 190 -1.59 7.83 -4.73
CA GLN B 190 -2.23 6.55 -4.89
C GLN B 190 -2.33 6.20 -6.36
N LEU B 191 -1.92 4.98 -6.68
CA LEU B 191 -2.00 4.44 -8.04
C LEU B 191 -3.08 3.37 -8.16
N ARG B 192 -3.80 3.41 -9.27
CA ARG B 192 -4.76 2.38 -9.64
C ARG B 192 -4.46 1.95 -11.07
N THR B 193 -4.29 0.65 -11.27
CA THR B 193 -3.84 0.17 -12.56
C THR B 193 -4.72 -0.96 -12.96
N THR B 194 -5.19 -0.92 -14.21
CA THR B 194 -5.84 -2.04 -14.84
C THR B 194 -4.88 -2.61 -15.87
N TYR B 195 -4.59 -3.89 -15.75
CA TYR B 195 -3.68 -4.62 -16.62
C TYR B 195 -4.56 -5.52 -17.47
N ARG B 196 -4.35 -5.53 -18.79
CA ARG B 196 -5.20 -6.30 -19.72
C ARG B 196 -4.44 -7.17 -20.69
N SER B 197 -4.52 -8.48 -20.47
CA SER B 197 -3.89 -9.43 -21.36
C SER B 197 -4.48 -9.33 -22.75
N LYS B 198 -3.68 -9.57 -23.77
CA LYS B 198 -4.25 -9.76 -25.10
C LYS B 198 -4.57 -11.23 -25.39
N LYS B 199 -4.28 -12.12 -24.43
CA LYS B 199 -4.82 -13.49 -24.49
C LYS B 199 -6.26 -13.48 -23.94
N PRO B 200 -7.14 -14.34 -24.45
CA PRO B 200 -8.46 -14.47 -23.82
C PRO B 200 -8.37 -15.14 -22.44
N ALA B 201 -9.30 -14.81 -21.55
CA ALA B 201 -9.25 -15.26 -20.15
C ALA B 201 -9.11 -16.78 -19.99
N LYS B 202 -9.84 -17.53 -20.80
CA LYS B 202 -9.79 -19.00 -20.77
C LYS B 202 -8.44 -19.63 -21.16
N LYS B 203 -7.50 -18.84 -21.67
CA LYS B 203 -6.13 -19.30 -21.88
C LYS B 203 -5.19 -18.95 -20.73
N LEU B 204 -5.70 -18.30 -19.69
CA LEU B 204 -4.88 -17.78 -18.60
C LEU B 204 -5.17 -18.49 -17.29
N GLN B 205 -4.14 -18.77 -16.53
CA GLN B 205 -4.30 -19.18 -15.14
C GLN B 205 -4.23 -17.93 -14.31
N MET B 206 -5.36 -17.56 -13.72
CA MET B 206 -5.44 -16.34 -12.94
C MET B 206 -4.84 -16.53 -11.57
N PRO B 207 -4.09 -15.53 -11.09
CA PRO B 207 -3.55 -15.60 -9.73
C PRO B 207 -4.57 -15.21 -8.66
N ALA B 208 -4.29 -15.67 -7.44
CA ALA B 208 -4.99 -15.23 -6.24
C ALA B 208 -4.47 -13.83 -5.90
N PHE B 209 -5.14 -13.15 -4.97
CA PHE B 209 -4.66 -11.89 -4.39
C PHE B 209 -3.19 -12.03 -3.96
N HIS B 210 -2.36 -11.06 -4.32
CA HIS B 210 -0.97 -11.08 -3.91
C HIS B 210 -0.37 -9.69 -4.01
N PHE B 211 0.94 -9.57 -3.85
CA PHE B 211 1.61 -8.29 -3.84
C PHE B 211 2.76 -8.28 -4.80
N SER B 212 3.19 -7.08 -5.16
CA SER B 212 4.45 -6.87 -5.83
C SER B 212 5.19 -5.69 -5.23
N ASP B 213 6.44 -5.90 -4.81
CA ASP B 213 7.31 -4.81 -4.39
C ASP B 213 8.08 -4.24 -5.59
N HIS B 214 8.17 -2.92 -5.69
CA HIS B 214 8.91 -2.25 -6.76
C HIS B 214 9.85 -1.20 -6.23
N ARG B 215 11.02 -1.10 -6.84
CA ARG B 215 12.00 -0.11 -6.42
C ARG B 215 12.70 0.55 -7.60
N PRO B 216 12.15 1.67 -8.10
CA PRO B 216 12.85 2.34 -9.21
C PRO B 216 13.79 3.41 -8.69
N GLU B 217 15.05 3.35 -9.10
CA GLU B 217 16.07 4.30 -8.66
C GLU B 217 16.79 4.90 -9.85
N ILE B 218 17.11 6.18 -9.77
CA ILE B 218 17.94 6.82 -10.79
C ILE B 218 19.41 6.60 -10.38
N LEU B 219 20.12 5.77 -11.12
CA LEU B 219 21.51 5.47 -10.82
C LEU B 219 22.49 6.54 -11.30
N LYS B 220 22.13 7.29 -12.33
CA LYS B 220 23.03 8.28 -12.93
C LYS B 220 22.27 9.26 -13.82
N VAL B 221 22.76 10.50 -13.88
CA VAL B 221 22.21 11.55 -14.71
C VAL B 221 23.34 12.19 -15.51
N SER B 222 23.15 12.37 -16.82
CA SER B 222 24.22 12.89 -17.68
C SER B 222 23.62 13.61 -18.89
N GLU B 223 24.45 13.89 -19.90
CA GLU B 223 24.08 14.76 -21.03
C GLU B 223 23.36 16.00 -20.52
N ASN B 224 23.99 16.65 -19.54
CA ASN B 224 23.46 17.88 -19.00
C ASN B 224 21.99 17.71 -18.62
N GLY B 225 21.66 16.59 -17.98
CA GLY B 225 20.32 16.37 -17.45
C GLY B 225 19.30 15.75 -18.39
N ASN B 226 19.67 15.49 -19.64
CA ASN B 226 18.74 14.82 -20.56
C ASN B 226 18.85 13.31 -20.63
N LEU B 227 19.85 12.72 -19.97
CA LEU B 227 19.99 11.27 -19.96
C LEU B 227 19.97 10.71 -18.54
N MET B 228 18.94 9.93 -18.24
CA MET B 228 18.75 9.28 -16.93
C MET B 228 18.96 7.77 -17.08
N GLU B 229 19.78 7.22 -16.21
CA GLU B 229 19.89 5.79 -16.17
C GLU B 229 19.06 5.29 -14.98
N GLN B 230 18.04 4.48 -15.27
CA GLN B 230 17.04 4.09 -14.25
C GLN B 230 16.95 2.57 -14.07
N TYR B 231 17.14 2.13 -12.83
CA TYR B 231 17.17 0.72 -12.47
C TYR B 231 15.92 0.38 -11.73
N GLU B 232 15.39 -0.80 -11.96
CA GLU B 232 14.29 -1.29 -11.16
C GLU B 232 14.40 -2.80 -10.87
N MET B 233 13.90 -3.20 -9.70
CA MET B 233 13.67 -4.60 -9.41
C MET B 233 12.25 -4.78 -8.88
N SER B 234 11.58 -5.86 -9.30
CA SER B 234 10.24 -6.20 -8.86
C SER B 234 10.12 -7.64 -8.40
N VAL B 235 9.41 -7.85 -7.30
CA VAL B 235 9.17 -9.19 -6.77
C VAL B 235 7.67 -9.40 -6.50
N GLY B 236 7.12 -10.47 -7.08
CA GLY B 236 5.76 -10.91 -6.83
C GLY B 236 5.77 -11.89 -5.68
N ARG B 237 4.79 -11.78 -4.78
CA ARG B 237 4.81 -12.57 -3.54
C ARG B 237 3.52 -12.47 -2.75
N TYR B 238 3.39 -13.35 -1.76
CA TYR B 238 2.40 -13.18 -0.71
C TYR B 238 3.04 -12.47 0.48
N CYS B 239 2.24 -12.15 1.48
CA CYS B 239 2.77 -11.59 2.69
C CYS B 239 3.34 -12.77 3.49
N GLU B 240 4.66 -12.79 3.69
CA GLU B 240 5.27 -13.91 4.41
C GLU B 240 5.68 -13.57 5.84
N SER B 241 5.75 -12.28 6.17
CA SER B 241 6.14 -11.85 7.50
C SER B 241 5.08 -12.09 8.59
N VAL B 242 3.80 -12.24 8.20
CA VAL B 242 2.73 -12.42 9.19
C VAL B 242 1.92 -13.64 8.83
N PRO B 243 2.27 -14.80 9.41
CA PRO B 243 1.57 -16.04 9.08
C PRO B 243 0.08 -16.01 9.42
N SER B 244 -0.73 -16.56 8.53
CA SER B 244 -2.15 -16.74 8.81
C SER B 244 -2.37 -17.81 9.88
N LYS B 245 -3.40 -17.58 10.67
CA LYS B 245 -3.87 -18.54 11.64
C LYS B 245 -4.97 -19.39 10.99
N LEU B 246 -5.50 -18.94 9.85
CA LEU B 246 -6.59 -19.64 9.17
C LEU B 246 -6.13 -20.38 7.92
N GLY B 247 -4.83 -20.52 7.74
CA GLY B 247 -4.30 -21.16 6.54
C GLY B 247 -4.46 -20.39 5.23
N HIS B 248 -4.64 -19.08 5.28
CA HIS B 248 -4.64 -18.28 4.05
C HIS B 248 -3.21 -17.91 3.66
N ASN B 249 -2.98 -17.70 2.36
CA ASN B 249 -1.68 -17.21 1.86
C ASN B 249 -1.18 -15.94 2.57
O2' TOE C . -19.37 -7.49 27.89
CA' TOE C . -18.20 -7.50 28.71
CB' TOE C . -16.95 -7.27 27.85
OC' TOE C . -16.29 -8.52 27.58
CD' TOE C . -15.82 -8.63 26.24
CE' TOE C . -15.27 -10.04 25.95
OF' TOE C . -15.46 -10.94 27.05
CG' TOE C . -15.40 -12.31 26.61
CH' TOE C . -15.66 -13.28 27.80
OI' TOE C . -17.01 -13.12 28.27
CK' TOE C . -17.21 -13.87 29.47
O2' TOE D . 15.71 -4.07 -34.05
CA' TOE D . 14.74 -4.64 -33.17
CB' TOE D . 13.67 -3.58 -32.91
OC' TOE D . 12.41 -4.18 -32.50
CD' TOE D . 11.25 -3.34 -32.78
CE' TOE D . 11.27 -1.99 -32.05
OF' TOE D . 10.48 -0.96 -32.71
CG' TOE D . 10.85 0.43 -32.46
CH' TOE D . 11.79 0.99 -33.56
OI' TOE D . 12.37 2.30 -33.20
CK' TOE D . 13.82 2.36 -33.17
#